data_4JX8
#
_entry.id   4JX8
#
_cell.length_a   79.632
_cell.length_b   79.632
_cell.length_c   323.352
_cell.angle_alpha   90.00
_cell.angle_beta   90.00
_cell.angle_gamma   120.00
#
_symmetry.space_group_name_H-M   'P 61 2 2'
#
loop_
_entity.id
_entity.type
_entity.pdbx_description
1 polymer 'Enoyl-[acyl-carrier-protein] reductase [NADH] FabI'
2 non-polymer 6-{(1E)-3-[3-(3-methyl-1-benzofuran-2-yl)azetidin-1-yl]-3-oxoprop-1-en-1-yl}-1,8-naphthyridin-2(1H)-one
3 non-polymer NICOTINAMIDE-ADENINE-DINUCLEOTIDE
4 water water
#
_entity_poly.entity_id   1
_entity_poly.type   'polypeptide(L)'
_entity_poly.pdbx_seq_one_letter_code
;MGSSHHHHHHSSGLVPRGSHMGFLSGKRILVTGVASKLSIAYGIAQAMHREGAELAFTYQNDKLKGRVEEFAAQLGSDIV
LQCDVAEDASIDTMFAELGKVWPKFDGFVHSIGFAPGDQLDGDYVNAVTREGFKIAHDISSYSFVAMAKACRSMLNPGSA
LLTLSYLGAERAIPNYNVMGLAKASLEANVRYMANAMGPEGVRVNAISAGPIRTLAASGIKDFRKMLAHCEAVTPIRRTV
TIEDVGNSAAFLCSDLSAGISGEVVHVDGGFSIAAMNELELK
;
_entity_poly.pdbx_strand_id   A,B
#
loop_
_chem_comp.id
_chem_comp.type
_chem_comp.name
_chem_comp.formula
AE6 non-polymer 6-{(1E)-3-[3-(3-methyl-1-benzofuran-2-yl)azetidin-1-yl]-3-oxoprop-1-en-1-yl}-1,8-naphthyridin-2(1H)-one 'C23 H19 N3 O3'
NAD non-polymer NICOTINAMIDE-ADENINE-DINUCLEOTIDE 'C21 H27 N7 O14 P2'
#
# COMPACT_ATOMS: atom_id res chain seq x y z
N MET A 21 22.70 4.51 33.46
CA MET A 21 21.73 3.73 32.63
C MET A 21 21.37 4.44 31.31
N GLY A 22 21.34 3.68 30.21
CA GLY A 22 20.73 4.14 28.98
C GLY A 22 19.22 3.95 29.05
N PHE A 23 18.48 4.67 28.19
CA PHE A 23 17.02 4.47 28.09
C PHE A 23 16.68 3.10 27.46
N LEU A 24 15.42 2.69 27.52
CA LEU A 24 15.03 1.29 27.25
C LEU A 24 15.88 0.36 28.11
N SER A 25 16.41 0.93 29.16
CA SER A 25 16.70 0.19 30.32
C SER A 25 15.32 -0.38 30.46
N GLY A 26 15.18 -1.35 31.33
CA GLY A 26 13.88 -1.91 31.68
C GLY A 26 12.95 -2.55 30.66
N LYS A 27 13.42 -2.68 29.42
CA LYS A 27 12.54 -3.10 28.33
C LYS A 27 12.94 -4.44 27.70
N ARG A 28 11.91 -5.17 27.23
CA ARG A 28 12.09 -6.41 26.47
C ARG A 28 11.58 -6.24 25.05
N ILE A 29 12.48 -6.38 24.08
CA ILE A 29 12.13 -6.16 22.69
C ILE A 29 12.58 -7.31 21.78
N LEU A 30 11.65 -7.77 20.95
CA LEU A 30 11.91 -8.80 19.96
C LEU A 30 12.25 -8.14 18.62
N VAL A 31 13.32 -8.62 17.99
CA VAL A 31 13.81 -8.02 16.76
C VAL A 31 13.92 -9.06 15.67
N THR A 32 13.15 -8.84 14.60
CA THR A 32 13.07 -9.74 13.44
C THR A 32 13.98 -9.26 12.31
N GLY A 33 14.29 -10.16 11.39
CA GLY A 33 15.00 -9.82 10.16
C GLY A 33 16.49 -9.48 10.28
N VAL A 34 17.22 -10.28 11.07
CA VAL A 34 18.66 -10.05 11.30
C VAL A 34 19.51 -11.03 10.48
N ALA A 35 19.73 -10.70 9.21
CA ALA A 35 20.47 -11.61 8.32
C ALA A 35 21.99 -11.53 8.50
N SER A 36 22.50 -10.37 8.84
CA SER A 36 23.94 -10.18 8.79
C SER A 36 24.46 -9.14 9.78
N LYS A 37 25.72 -8.77 9.60
CA LYS A 37 26.36 -7.73 10.41
C LYS A 37 26.04 -6.39 9.81
N LEU A 38 25.76 -6.39 8.51
CA LEU A 38 25.39 -5.17 7.79
C LEU A 38 23.88 -5.16 7.49
N SER A 39 23.10 -5.71 8.42
CA SER A 39 21.68 -6.03 8.18
C SER A 39 20.66 -5.04 8.68
N ILE A 40 21.07 -3.83 9.01
CA ILE A 40 20.14 -2.82 9.46
C ILE A 40 19.53 -3.16 10.82
N ALA A 41 18.93 -4.34 10.91
CA ALA A 41 18.30 -4.80 12.14
C ALA A 41 19.38 -5.16 13.14
N TYR A 42 20.56 -5.45 12.59
CA TYR A 42 21.75 -5.53 13.41
C TYR A 42 22.02 -4.15 14.06
N GLY A 43 21.69 -3.08 13.34
CA GLY A 43 21.86 -1.70 13.85
C GLY A 43 20.84 -1.37 14.91
N ILE A 44 19.59 -1.72 14.62
CA ILE A 44 18.46 -1.54 15.54
C ILE A 44 18.72 -2.26 16.85
N ALA A 45 19.19 -3.50 16.74
CA ALA A 45 19.63 -4.22 17.91
C ALA A 45 20.73 -3.44 18.65
N GLN A 46 21.84 -3.18 17.95
CA GLN A 46 22.98 -2.50 18.57
C GLN A 46 22.57 -1.32 19.42
N ALA A 47 21.82 -0.41 18.80
CA ALA A 47 21.36 0.80 19.45
C ALA A 47 20.55 0.47 20.68
N MET A 48 19.68 -0.50 20.55
CA MET A 48 18.84 -0.88 21.66
C MET A 48 19.66 -1.51 22.79
N HIS A 49 20.44 -2.54 22.47
CA HIS A 49 21.28 -3.17 23.49
C HIS A 49 22.28 -2.20 24.06
N ARG A 50 22.93 -1.45 23.19
CA ARG A 50 23.81 -0.35 23.63
C ARG A 50 23.08 0.52 24.64
N GLU A 51 21.76 0.60 24.56
CA GLU A 51 20.99 1.37 25.56
C GLU A 51 20.34 0.46 26.62
N GLY A 52 20.98 -0.67 26.92
CA GLY A 52 20.52 -1.60 27.96
C GLY A 52 19.16 -2.26 27.73
N ALA A 53 18.91 -2.68 26.49
CA ALA A 53 17.69 -3.36 26.12
C ALA A 53 17.94 -4.84 26.15
N GLU A 54 17.02 -5.58 26.76
CA GLU A 54 17.05 -7.02 26.66
C GLU A 54 16.28 -7.36 25.41
N LEU A 55 16.95 -8.05 24.49
CA LEU A 55 16.34 -8.38 23.20
C LEU A 55 15.98 -9.89 23.08
N ALA A 56 15.28 -10.21 22.01
CA ALA A 56 14.99 -11.57 21.62
C ALA A 56 15.08 -11.63 20.11
N PHE A 57 15.41 -12.78 19.56
CA PHE A 57 15.67 -12.87 18.12
C PHE A 57 14.96 -13.96 17.37
N THR A 58 14.39 -13.62 16.23
CA THR A 58 13.85 -14.63 15.36
C THR A 58 14.74 -14.77 14.13
N TYR A 59 14.78 -15.98 13.61
CA TYR A 59 15.38 -16.25 12.31
C TYR A 59 14.31 -16.86 11.42
N GLN A 60 14.54 -16.84 10.12
CA GLN A 60 13.52 -17.30 9.22
C GLN A 60 13.44 -18.82 9.16
N ASN A 61 14.48 -19.43 8.63
CA ASN A 61 14.54 -20.87 8.49
C ASN A 61 15.85 -21.41 9.05
N ASP A 62 15.99 -22.74 9.06
CA ASP A 62 17.15 -23.40 9.65
C ASP A 62 18.45 -22.91 9.03
N LYS A 63 18.37 -22.40 7.79
CA LYS A 63 19.52 -21.85 7.07
C LYS A 63 20.14 -20.63 7.79
N LEU A 64 19.32 -19.82 8.45
CA LEU A 64 19.78 -18.61 9.11
C LEU A 64 20.01 -18.79 10.62
N LYS A 65 19.61 -19.92 11.16
CA LYS A 65 19.78 -20.19 12.57
C LYS A 65 21.18 -19.84 13.01
N GLY A 66 22.13 -20.58 12.47
CA GLY A 66 23.52 -20.30 12.71
C GLY A 66 23.73 -19.77 14.09
N ARG A 67 24.26 -18.55 14.17
CA ARG A 67 24.48 -17.74 12.99
C ARG A 67 23.89 -16.40 13.34
N VAL A 68 22.56 -16.33 13.37
CA VAL A 68 21.89 -15.19 14.05
C VAL A 68 22.02 -15.48 15.52
N GLU A 69 21.99 -16.76 15.87
CA GLU A 69 22.16 -17.18 17.24
C GLU A 69 23.40 -16.50 17.81
N GLU A 70 24.48 -16.53 17.04
CA GLU A 70 25.71 -15.87 17.42
C GLU A 70 25.60 -14.36 17.62
N PHE A 71 24.85 -13.67 16.75
CA PHE A 71 24.68 -12.22 16.88
C PHE A 71 24.01 -11.86 18.21
N ALA A 72 23.03 -12.67 18.57
CA ALA A 72 22.32 -12.57 19.84
C ALA A 72 23.25 -12.86 20.99
N ALA A 73 24.24 -13.72 20.73
CA ALA A 73 25.28 -14.03 21.71
C ALA A 73 25.99 -12.73 22.04
N GLN A 74 26.42 -12.06 20.98
CA GLN A 74 27.10 -10.77 21.06
C GLN A 74 26.26 -9.75 21.83
N LEU A 75 24.98 -9.66 21.49
CA LEU A 75 24.10 -8.69 22.12
C LEU A 75 23.53 -9.11 23.48
N GLY A 76 24.02 -10.23 24.02
CA GLY A 76 23.70 -10.65 25.39
C GLY A 76 22.31 -11.23 25.59
N SER A 77 21.77 -11.86 24.54
CA SER A 77 20.43 -12.41 24.62
C SER A 77 20.46 -13.86 24.25
N ASP A 78 19.79 -14.67 25.08
CA ASP A 78 19.64 -16.09 24.81
C ASP A 78 18.67 -16.35 23.67
N ILE A 79 17.52 -15.70 23.78
CA ILE A 79 16.35 -16.06 23.03
C ILE A 79 16.56 -16.00 21.53
N VAL A 80 16.35 -17.16 20.91
CA VAL A 80 16.64 -17.38 19.50
C VAL A 80 15.59 -18.33 18.93
N LEU A 81 14.68 -17.82 18.12
CA LEU A 81 13.57 -18.67 17.68
C LEU A 81 13.16 -18.49 16.24
N GLN A 82 12.85 -19.61 15.59
CA GLN A 82 12.40 -19.62 14.22
C GLN A 82 11.07 -18.92 14.10
N CYS A 83 10.86 -18.25 12.97
CA CYS A 83 9.59 -17.62 12.68
C CYS A 83 9.49 -17.27 11.21
N ASP A 84 8.82 -18.13 10.43
CA ASP A 84 8.56 -17.87 9.01
C ASP A 84 7.19 -17.21 8.81
N VAL A 85 7.19 -15.88 8.72
CA VAL A 85 5.96 -15.05 8.78
C VAL A 85 5.00 -15.24 7.61
N ALA A 86 5.34 -16.19 6.74
CA ALA A 86 4.42 -16.65 5.71
C ALA A 86 3.28 -17.44 6.36
N GLU A 87 3.62 -18.20 7.41
CA GLU A 87 2.72 -19.10 8.10
C GLU A 87 2.25 -18.58 9.47
N ASP A 88 0.94 -18.36 9.60
CA ASP A 88 0.30 -17.93 10.87
C ASP A 88 0.72 -18.79 12.06
N ALA A 89 0.84 -20.09 11.84
CA ALA A 89 1.23 -21.07 12.85
C ALA A 89 2.67 -20.86 13.36
N SER A 90 3.58 -20.58 12.43
CA SER A 90 4.97 -20.32 12.79
C SER A 90 5.08 -19.09 13.69
N ILE A 91 4.37 -18.01 13.35
CA ILE A 91 4.27 -16.81 14.20
C ILE A 91 3.63 -17.14 15.55
N ASP A 92 2.55 -17.94 15.51
CA ASP A 92 1.91 -18.38 16.73
C ASP A 92 2.89 -19.12 17.66
N THR A 93 3.38 -20.27 17.20
CA THR A 93 4.35 -21.08 17.95
C THR A 93 5.61 -20.30 18.36
N MET A 94 6.05 -19.37 17.53
CA MET A 94 7.22 -18.57 17.88
C MET A 94 6.93 -17.88 19.20
N PHE A 95 5.88 -17.07 19.18
CA PHE A 95 5.50 -16.26 20.32
C PHE A 95 5.22 -17.15 21.52
N ALA A 96 4.53 -18.26 21.29
CA ALA A 96 4.21 -19.20 22.36
C ALA A 96 5.48 -19.65 23.08
N GLU A 97 6.53 -19.96 22.32
CA GLU A 97 7.79 -20.35 22.92
C GLU A 97 8.38 -19.16 23.65
N LEU A 98 8.30 -17.99 23.01
CA LEU A 98 8.81 -16.77 23.61
C LEU A 98 8.11 -16.46 24.95
N GLY A 99 6.81 -16.74 25.05
CA GLY A 99 6.05 -16.56 26.31
C GLY A 99 6.63 -17.37 27.47
N LYS A 100 7.23 -18.52 27.13
CA LYS A 100 7.92 -19.38 28.09
C LYS A 100 8.98 -18.61 28.90
N VAL A 101 9.53 -17.55 28.31
CA VAL A 101 10.46 -16.65 28.99
C VAL A 101 9.87 -15.26 29.21
N TRP A 102 9.15 -14.73 28.22
CA TRP A 102 8.65 -13.37 28.29
C TRP A 102 7.17 -13.38 28.41
N PRO A 103 6.64 -13.61 29.63
CA PRO A 103 5.19 -13.74 29.74
C PRO A 103 4.58 -12.49 29.17
N LYS A 104 5.24 -11.35 29.43
CA LYS A 104 5.01 -10.11 28.73
C LYS A 104 6.36 -9.56 28.25
N PHE A 105 6.32 -8.63 27.28
CA PHE A 105 7.49 -7.93 26.73
C PHE A 105 6.98 -6.62 26.11
N ASP A 106 7.86 -5.86 25.45
CA ASP A 106 7.53 -4.47 25.18
C ASP A 106 7.55 -3.98 23.72
N GLY A 107 7.38 -4.90 22.79
CA GLY A 107 7.34 -4.50 21.39
C GLY A 107 8.28 -5.30 20.53
N PHE A 108 8.08 -5.20 19.23
CA PHE A 108 8.96 -5.89 18.30
C PHE A 108 9.34 -5.02 17.11
N VAL A 109 10.43 -5.39 16.47
CA VAL A 109 10.91 -4.68 15.29
C VAL A 109 10.65 -5.53 14.08
N HIS A 110 10.02 -4.90 13.10
CA HIS A 110 9.65 -5.53 11.85
C HIS A 110 10.58 -5.06 10.75
N SER A 111 11.69 -5.78 10.60
CA SER A 111 12.64 -5.47 9.53
C SER A 111 12.60 -6.58 8.47
N ILE A 112 11.40 -7.02 8.17
CA ILE A 112 11.16 -8.08 7.21
C ILE A 112 10.57 -7.46 5.95
N GLY A 113 11.10 -7.88 4.81
CA GLY A 113 10.46 -7.60 3.52
C GLY A 113 11.04 -8.39 2.38
N PHE A 114 10.17 -8.75 1.45
CA PHE A 114 10.48 -9.63 0.32
C PHE A 114 9.52 -9.38 -0.83
N ALA A 115 10.03 -9.60 -2.04
CA ALA A 115 9.24 -9.75 -3.27
C ALA A 115 10.03 -10.56 -4.28
N PRO A 116 9.47 -11.68 -4.80
CA PRO A 116 10.21 -12.59 -5.68
C PRO A 116 11.13 -11.85 -6.64
N GLY A 117 12.37 -12.33 -6.74
CA GLY A 117 13.43 -11.71 -7.53
C GLY A 117 12.88 -11.05 -8.78
N ASP A 118 12.40 -11.88 -9.71
CA ASP A 118 11.74 -11.43 -10.93
C ASP A 118 10.89 -10.15 -10.80
N GLN A 119 10.30 -9.92 -9.63
CA GLN A 119 9.32 -8.84 -9.42
C GLN A 119 9.87 -7.43 -9.54
N LEU A 120 11.13 -7.26 -9.16
CA LEU A 120 11.76 -5.95 -9.09
C LEU A 120 12.66 -5.69 -10.30
N ASP A 121 12.14 -6.02 -11.48
CA ASP A 121 12.89 -6.09 -12.73
C ASP A 121 13.32 -4.96 -13.67
N GLY A 122 12.33 -4.38 -14.38
CA GLY A 122 12.50 -3.24 -15.28
C GLY A 122 11.12 -2.66 -15.14
N ASP A 123 10.51 -2.30 -16.26
CA ASP A 123 9.13 -1.75 -16.31
C ASP A 123 8.18 -2.41 -15.32
N TYR A 124 7.49 -1.58 -14.54
CA TYR A 124 6.66 -2.09 -13.46
C TYR A 124 5.48 -2.91 -13.96
N VAL A 125 4.75 -2.33 -14.92
CA VAL A 125 3.60 -2.98 -15.51
C VAL A 125 3.97 -4.35 -16.07
N ASN A 126 5.06 -4.39 -16.81
CA ASN A 126 5.55 -5.64 -17.33
C ASN A 126 5.75 -6.66 -16.22
N ALA A 127 6.68 -6.35 -15.32
CA ALA A 127 7.16 -7.28 -14.32
C ALA A 127 6.09 -7.82 -13.33
N VAL A 128 5.22 -6.94 -12.84
CA VAL A 128 4.26 -7.32 -11.78
C VAL A 128 3.20 -8.33 -12.19
N THR A 129 3.04 -9.33 -11.32
CA THR A 129 2.14 -10.46 -11.49
C THR A 129 1.31 -10.63 -10.22
N ARG A 130 0.14 -11.25 -10.35
CA ARG A 130 -0.75 -11.44 -9.22
C ARG A 130 -0.07 -12.11 -8.03
N GLU A 131 0.80 -13.07 -8.32
CA GLU A 131 1.50 -13.82 -7.29
C GLU A 131 2.59 -12.97 -6.66
N GLY A 132 3.33 -12.28 -7.51
CA GLY A 132 4.35 -11.36 -7.06
C GLY A 132 3.74 -10.24 -6.22
N PHE A 133 2.60 -9.72 -6.66
CA PHE A 133 1.79 -8.84 -5.85
C PHE A 133 1.39 -9.51 -4.55
N LYS A 134 0.84 -10.73 -4.62
CA LYS A 134 0.40 -11.42 -3.40
C LYS A 134 1.54 -11.51 -2.38
N ILE A 135 2.67 -12.09 -2.80
CA ILE A 135 3.75 -12.39 -1.87
C ILE A 135 4.29 -11.07 -1.26
N ALA A 136 4.55 -10.10 -2.12
CA ALA A 136 5.12 -8.84 -1.67
C ALA A 136 4.24 -8.16 -0.62
N HIS A 137 2.92 -8.26 -0.78
CA HIS A 137 2.01 -7.62 0.19
C HIS A 137 1.82 -8.45 1.40
N ASP A 138 1.96 -9.76 1.24
CA ASP A 138 1.85 -10.67 2.37
C ASP A 138 3.06 -10.52 3.32
N ILE A 139 4.26 -10.53 2.74
CA ILE A 139 5.48 -10.68 3.51
C ILE A 139 6.01 -9.35 4.00
N SER A 140 5.87 -8.32 3.17
CA SER A 140 6.41 -7.02 3.57
C SER A 140 5.39 -6.15 4.33
N SER A 141 4.12 -6.55 4.32
CA SER A 141 3.05 -5.68 4.86
C SER A 141 2.12 -6.34 5.86
N TYR A 142 1.45 -7.41 5.43
CA TYR A 142 0.55 -8.09 6.33
C TYR A 142 1.35 -8.56 7.55
N SER A 143 2.42 -9.32 7.30
CA SER A 143 3.21 -9.99 8.35
C SER A 143 3.35 -9.19 9.66
N PHE A 144 3.56 -7.88 9.49
CA PHE A 144 3.70 -6.94 10.58
C PHE A 144 2.49 -6.97 11.52
N VAL A 145 1.28 -6.90 10.97
CA VAL A 145 0.09 -6.96 11.80
C VAL A 145 -0.16 -8.41 12.30
N ALA A 146 0.27 -9.38 11.50
CA ALA A 146 0.15 -10.79 11.85
C ALA A 146 0.84 -10.99 13.16
N MET A 147 2.01 -10.40 13.29
CA MET A 147 2.77 -10.54 14.50
C MET A 147 2.06 -9.84 15.65
N ALA A 148 1.42 -8.72 15.34
CA ALA A 148 0.83 -7.87 16.37
C ALA A 148 -0.35 -8.58 16.96
N LYS A 149 -1.09 -9.32 16.13
CA LYS A 149 -2.28 -10.05 16.57
C LYS A 149 -1.86 -11.16 17.52
N ALA A 150 -0.83 -11.90 17.11
CA ALA A 150 -0.39 -13.06 17.85
C ALA A 150 0.16 -12.73 19.22
N CYS A 151 0.74 -11.54 19.36
CA CYS A 151 1.34 -11.13 20.63
C CYS A 151 0.69 -9.89 21.24
N ARG A 152 -0.49 -9.51 20.73
CA ARG A 152 -1.23 -8.39 21.26
C ARG A 152 -1.34 -8.49 22.80
N SER A 153 -1.85 -9.62 23.29
CA SER A 153 -2.05 -9.82 24.74
C SER A 153 -0.73 -9.77 25.54
N MET A 154 0.40 -10.00 24.86
CA MET A 154 1.67 -10.03 25.53
C MET A 154 2.31 -8.65 25.62
N LEU A 155 1.65 -7.61 25.14
CA LEU A 155 2.28 -6.29 25.18
C LEU A 155 1.97 -5.57 26.46
N ASN A 156 3.01 -5.25 27.22
CA ASN A 156 2.91 -4.35 28.38
C ASN A 156 2.30 -2.98 27.99
N PRO A 157 1.75 -2.23 28.97
CA PRO A 157 1.32 -0.90 28.58
C PRO A 157 2.54 -0.01 28.51
N GLY A 158 2.75 0.59 27.35
CA GLY A 158 3.87 1.47 27.15
C GLY A 158 4.91 0.81 26.27
N SER A 159 4.51 -0.29 25.65
CA SER A 159 5.34 -0.95 24.64
C SER A 159 5.02 -0.35 23.27
N ALA A 160 5.98 -0.49 22.37
CA ALA A 160 5.89 0.12 21.06
C ALA A 160 6.28 -0.85 19.98
N LEU A 161 5.69 -0.66 18.83
CA LEU A 161 6.09 -1.44 17.69
C LEU A 161 6.80 -0.49 16.73
N LEU A 162 7.69 -1.06 15.91
CA LEU A 162 8.29 -0.34 14.81
C LEU A 162 8.41 -1.25 13.60
N THR A 163 8.34 -0.66 12.41
CA THR A 163 8.60 -1.37 11.18
C THR A 163 9.44 -0.46 10.28
N LEU A 164 10.11 -1.03 9.28
CA LEU A 164 10.99 -0.29 8.33
C LEU A 164 10.42 -0.16 6.92
N SER A 165 10.44 1.07 6.36
CA SER A 165 9.85 1.37 5.04
C SER A 165 10.75 2.22 4.12
N TYR A 166 10.34 2.41 2.88
CA TYR A 166 11.16 3.11 1.92
C TYR A 166 10.39 4.18 1.15
N LEU A 167 11.12 5.03 0.41
CA LEU A 167 10.49 6.16 -0.24
C LEU A 167 9.65 5.69 -1.41
N GLY A 168 9.89 4.45 -1.85
CA GLY A 168 9.04 3.78 -2.84
C GLY A 168 7.57 3.86 -2.50
N ALA A 169 7.24 3.62 -1.22
CA ALA A 169 5.87 3.71 -0.69
C ALA A 169 5.19 5.03 -0.99
N GLU A 170 6.01 6.09 -1.06
CA GLU A 170 5.55 7.46 -1.37
C GLU A 170 5.65 7.82 -2.84
N ARG A 171 6.72 7.39 -3.52
CA ARG A 171 6.96 7.79 -4.92
C ARG A 171 7.29 6.63 -5.87
N ALA A 172 7.17 6.86 -7.19
CA ALA A 172 7.49 5.81 -8.16
C ALA A 172 8.99 5.78 -8.48
N ILE A 173 9.65 4.70 -8.11
CA ILE A 173 11.07 4.54 -8.29
C ILE A 173 11.25 3.28 -9.10
N PRO A 174 11.96 3.40 -10.23
CA PRO A 174 12.17 2.29 -11.13
C PRO A 174 12.69 1.04 -10.43
N ASN A 175 12.33 -0.11 -11.01
CA ASN A 175 12.74 -1.42 -10.51
C ASN A 175 12.52 -1.63 -9.02
N TYR A 176 11.66 -0.83 -8.41
CA TYR A 176 11.30 -1.00 -6.98
C TYR A 176 9.98 -1.71 -7.31
N ASN A 177 9.27 -1.18 -8.31
CA ASN A 177 8.03 -1.79 -8.76
C ASN A 177 7.17 -2.17 -7.53
N VAL A 178 6.76 -3.43 -7.44
CA VAL A 178 5.67 -3.82 -6.53
C VAL A 178 6.02 -3.59 -5.05
N MET A 179 7.27 -3.27 -4.76
CA MET A 179 7.73 -3.24 -3.38
C MET A 179 7.03 -2.29 -2.39
N GLY A 180 6.88 -1.11 -2.90
CA GLY A 180 5.93 -0.23 -2.39
C GLY A 180 4.71 -0.26 -3.24
N LEU A 181 4.13 -1.36 -3.63
CA LEU A 181 2.74 -1.28 -3.83
C LEU A 181 2.53 -1.86 -2.47
N ALA A 182 3.65 -2.08 -1.78
CA ALA A 182 3.52 -2.82 -0.57
C ALA A 182 3.82 -1.86 0.54
N LYS A 183 4.96 -1.19 0.42
CA LYS A 183 5.38 -0.31 1.49
C LYS A 183 4.29 0.72 1.74
N ALA A 184 3.47 1.02 0.72
CA ALA A 184 2.36 1.95 0.89
C ALA A 184 1.29 1.26 1.70
N SER A 185 1.00 0.02 1.30
CA SER A 185 0.09 -0.85 2.03
C SER A 185 0.55 -0.97 3.47
N LEU A 186 1.86 -1.12 3.68
CA LEU A 186 2.46 -1.24 5.00
C LEU A 186 2.46 0.08 5.80
N GLU A 187 2.43 1.19 5.07
CA GLU A 187 2.54 2.52 5.66
C GLU A 187 1.21 2.85 6.34
N ALA A 188 0.12 2.48 5.68
CA ALA A 188 -1.23 2.61 6.24
C ALA A 188 -1.46 1.59 7.37
N ASN A 189 -0.83 0.42 7.21
CA ASN A 189 -0.92 -0.62 8.18
C ASN A 189 -0.48 -0.08 9.51
N VAL A 190 0.64 0.65 9.49
CA VAL A 190 1.12 1.35 10.67
C VAL A 190 0.00 2.14 11.35
N ARG A 191 -0.55 3.11 10.62
CA ARG A 191 -1.62 3.99 11.07
C ARG A 191 -2.83 3.28 11.74
N TYR A 192 -3.54 2.46 10.97
CA TYR A 192 -4.68 1.72 11.50
C TYR A 192 -4.32 0.93 12.75
N MET A 193 -3.13 0.34 12.75
CA MET A 193 -2.65 -0.37 13.89
C MET A 193 -2.59 0.63 15.03
N ALA A 194 -1.73 1.65 14.89
CA ALA A 194 -1.51 2.65 15.92
C ALA A 194 -2.81 3.19 16.45
N ASN A 195 -3.80 3.21 15.55
CA ASN A 195 -5.15 3.64 15.86
C ASN A 195 -5.91 2.66 16.73
N ALA A 196 -5.88 1.39 16.33
CA ALA A 196 -6.57 0.36 17.09
C ALA A 196 -5.94 0.06 18.47
N MET A 197 -4.65 0.33 18.61
CA MET A 197 -3.87 -0.17 19.73
C MET A 197 -3.56 0.87 20.84
N GLY A 198 -3.80 2.15 20.56
CA GLY A 198 -3.45 3.22 21.51
C GLY A 198 -4.21 3.10 22.82
N PRO A 199 -5.58 3.08 22.74
CA PRO A 199 -6.44 2.75 23.84
C PRO A 199 -5.79 1.82 24.83
N GLU A 200 -5.31 0.66 24.37
CA GLU A 200 -4.54 -0.19 25.25
C GLU A 200 -3.05 -0.04 25.55
N GLY A 201 -2.33 0.87 24.91
CA GLY A 201 -1.19 1.61 25.43
C GLY A 201 -0.01 1.26 24.58
N VAL A 202 -0.27 1.30 23.27
CA VAL A 202 0.61 0.70 22.29
C VAL A 202 0.79 1.71 21.17
N ARG A 203 2.03 1.80 20.73
CA ARG A 203 2.37 2.74 19.71
C ARG A 203 2.93 1.97 18.55
N VAL A 204 2.51 2.36 17.34
CA VAL A 204 2.96 1.74 16.11
C VAL A 204 3.55 2.84 15.26
N ASN A 205 4.82 2.70 14.90
CA ASN A 205 5.53 3.67 14.07
C ASN A 205 6.33 3.00 12.98
N ALA A 206 6.95 3.78 12.11
CA ALA A 206 7.78 3.25 11.05
C ALA A 206 8.88 4.22 10.58
N ILE A 207 10.05 3.68 10.25
CA ILE A 207 11.17 4.48 9.77
C ILE A 207 11.40 4.32 8.27
N SER A 208 11.35 5.45 7.55
CA SER A 208 11.64 5.50 6.10
C SER A 208 13.14 5.68 5.87
N ALA A 209 13.84 4.56 5.82
CA ALA A 209 15.29 4.55 5.74
C ALA A 209 15.77 4.97 4.37
N GLY A 210 16.88 5.69 4.35
CA GLY A 210 17.56 5.96 3.11
C GLY A 210 18.35 4.71 2.81
N PRO A 211 19.14 4.74 1.74
CA PRO A 211 19.98 3.58 1.40
C PRO A 211 21.52 3.56 1.56
N ILE A 212 22.14 3.08 2.65
CA ILE A 212 21.63 1.97 3.48
C ILE A 212 21.70 0.49 3.04
N ARG A 213 22.76 0.14 2.31
CA ARG A 213 22.87 -1.23 1.77
C ARG A 213 23.38 -2.62 2.21
N THR A 214 22.42 -3.50 2.43
CA THR A 214 22.37 -4.65 3.29
C THR A 214 22.12 -5.85 2.39
N LEU A 215 21.44 -6.87 2.86
CA LEU A 215 21.18 -7.99 1.95
C LEU A 215 20.05 -7.75 0.94
N ALA A 216 19.49 -6.54 0.98
CA ALA A 216 18.30 -6.19 0.19
C ALA A 216 18.60 -5.95 -1.29
N ALA A 217 19.76 -5.36 -1.60
CA ALA A 217 20.18 -5.12 -2.99
C ALA A 217 20.41 -6.43 -3.79
N SER A 218 20.04 -7.56 -3.20
CA SER A 218 20.10 -8.89 -3.83
C SER A 218 19.06 -9.08 -4.97
N GLY A 219 18.24 -8.06 -5.19
CA GLY A 219 17.31 -8.01 -6.32
C GLY A 219 17.32 -6.65 -6.98
N ILE A 220 17.92 -5.68 -6.29
CA ILE A 220 18.08 -4.33 -6.83
C ILE A 220 19.26 -4.27 -7.81
N LYS A 221 18.94 -3.87 -9.03
CA LYS A 221 19.92 -3.63 -10.09
C LYS A 221 20.38 -2.16 -10.10
N ASP A 222 21.49 -1.89 -10.79
CA ASP A 222 22.03 -0.52 -11.04
C ASP A 222 22.57 0.16 -9.76
N PHE A 223 22.87 -0.65 -8.76
CA PHE A 223 23.07 -0.23 -7.37
C PHE A 223 24.37 0.54 -7.09
N ARG A 224 25.48 0.11 -7.68
CA ARG A 224 26.80 0.73 -7.44
C ARG A 224 26.76 2.24 -7.66
N LYS A 225 26.20 2.64 -8.79
CA LYS A 225 26.05 4.05 -9.12
C LYS A 225 24.90 4.72 -8.35
N MET A 226 23.94 3.92 -7.90
CA MET A 226 22.69 4.43 -7.32
C MET A 226 22.92 5.31 -6.10
N LEU A 227 23.91 4.95 -5.30
CA LEU A 227 24.24 5.67 -4.05
C LEU A 227 24.89 7.01 -4.24
N ALA A 228 25.76 7.13 -5.23
CA ALA A 228 26.37 8.43 -5.51
C ALA A 228 25.53 9.26 -6.49
N HIS A 229 24.78 10.17 -5.90
CA HIS A 229 23.51 10.66 -6.36
C HIS A 229 22.37 9.78 -6.11
N CYS A 230 22.50 9.11 -5.00
CA CYS A 230 21.95 10.23 -4.23
C CYS A 230 22.63 10.39 -2.88
N GLU A 231 23.84 10.93 -2.96
CA GLU A 231 24.70 11.37 -1.87
C GLU A 231 25.05 12.83 -2.07
N ALA A 232 25.30 13.22 -3.33
CA ALA A 232 25.54 14.60 -3.73
C ALA A 232 24.28 15.47 -3.65
N VAL A 233 23.14 14.81 -3.48
CA VAL A 233 21.83 15.46 -3.47
C VAL A 233 21.05 15.37 -2.12
N THR A 234 21.49 14.51 -1.21
CA THR A 234 20.95 14.45 0.17
C THR A 234 21.40 15.69 0.97
N PRO A 235 20.46 16.41 1.60
CA PRO A 235 20.86 17.58 2.39
C PRO A 235 22.15 17.38 3.21
N ILE A 236 22.30 16.24 3.87
CA ILE A 236 23.49 15.98 4.72
C ILE A 236 24.75 15.52 3.97
N ARG A 237 24.62 15.22 2.69
CA ARG A 237 25.71 14.76 1.80
C ARG A 237 26.42 13.48 2.21
N ARG A 238 25.66 12.54 2.78
CA ARG A 238 26.10 11.15 2.99
C ARG A 238 24.86 10.27 3.13
N THR A 239 24.99 8.97 2.90
CA THR A 239 23.86 8.12 3.18
C THR A 239 23.84 7.82 4.68
N VAL A 240 22.63 7.70 5.23
CA VAL A 240 22.41 7.28 6.62
C VAL A 240 22.92 5.86 6.87
N THR A 241 23.36 5.59 8.10
CA THR A 241 23.94 4.30 8.41
C THR A 241 23.03 3.46 9.31
N ILE A 242 23.33 2.17 9.38
CA ILE A 242 22.60 1.25 10.23
C ILE A 242 22.64 1.76 11.68
N GLU A 243 23.67 2.55 12.01
CA GLU A 243 23.75 3.22 13.31
C GLU A 243 22.74 4.35 13.36
N ASP A 244 22.73 5.18 12.32
CA ASP A 244 21.79 6.29 12.21
C ASP A 244 20.38 5.76 12.30
N VAL A 245 20.14 4.64 11.60
CA VAL A 245 18.80 4.03 11.61
C VAL A 245 18.54 3.38 12.96
N GLY A 246 19.51 2.57 13.42
CA GLY A 246 19.43 1.89 14.71
C GLY A 246 19.03 2.89 15.77
N ASN A 247 19.71 4.04 15.74
CA ASN A 247 19.51 5.14 16.66
C ASN A 247 18.11 5.80 16.70
N SER A 248 17.53 6.10 15.53
CA SER A 248 16.19 6.65 15.51
C SER A 248 15.19 5.55 15.91
N ALA A 249 15.45 4.32 15.47
CA ALA A 249 14.65 3.16 15.84
C ALA A 249 14.56 2.95 17.36
N ALA A 250 15.70 3.05 18.05
CA ALA A 250 15.77 2.88 19.50
C ALA A 250 14.99 3.96 20.21
N PHE A 251 15.08 5.18 19.70
CA PHE A 251 14.28 6.26 20.24
C PHE A 251 12.80 6.04 19.95
N LEU A 252 12.48 5.67 18.72
CA LEU A 252 11.09 5.37 18.37
C LEU A 252 10.53 4.16 19.12
N CYS A 253 11.41 3.34 19.71
CA CYS A 253 11.00 2.20 20.52
C CYS A 253 11.18 2.43 22.02
N SER A 254 11.66 3.61 22.39
CA SER A 254 11.80 3.92 23.79
C SER A 254 10.74 4.89 24.26
N ASP A 255 10.62 5.08 25.58
CA ASP A 255 9.57 5.94 26.14
C ASP A 255 9.85 7.43 25.98
N LEU A 256 11.02 7.74 25.46
CA LEU A 256 11.30 9.08 25.03
C LEU A 256 10.30 9.54 23.96
N SER A 257 9.87 8.62 23.10
CA SER A 257 8.86 8.96 22.07
C SER A 257 7.42 8.66 22.46
N ALA A 258 7.18 8.58 23.77
CA ALA A 258 5.84 8.43 24.29
C ALA A 258 4.67 9.12 23.60
N GLY A 259 4.92 10.31 23.04
CA GLY A 259 3.92 10.97 22.19
C GLY A 259 4.01 10.85 20.67
N ILE A 260 4.64 9.78 20.19
CA ILE A 260 4.67 9.50 18.76
C ILE A 260 4.15 8.11 18.47
N SER A 261 3.01 8.05 17.79
CA SER A 261 2.34 6.81 17.37
C SER A 261 1.82 7.18 15.99
N GLY A 262 1.92 6.24 15.06
CA GLY A 262 1.25 6.34 13.77
C GLY A 262 1.99 7.18 12.75
N GLU A 263 3.21 7.58 13.10
CA GLU A 263 4.02 8.46 12.26
C GLU A 263 5.03 7.67 11.45
N VAL A 264 5.16 8.05 10.18
CA VAL A 264 6.20 7.53 9.30
C VAL A 264 7.36 8.55 9.31
N VAL A 265 8.40 8.25 10.10
CA VAL A 265 9.56 9.12 10.25
C VAL A 265 10.53 8.76 9.14
N HIS A 266 11.02 9.77 8.43
CA HIS A 266 12.03 9.53 7.40
C HIS A 266 13.42 9.63 7.98
N VAL A 267 14.24 8.60 7.80
CA VAL A 267 15.67 8.73 8.14
C VAL A 267 16.51 8.61 6.85
N ASP A 268 16.34 9.57 5.95
CA ASP A 268 17.04 9.49 4.70
C ASP A 268 18.06 10.62 4.53
N GLY A 269 18.31 11.32 5.62
CA GLY A 269 19.20 12.48 5.61
C GLY A 269 18.54 13.69 4.99
N GLY A 270 17.24 13.59 4.73
CA GLY A 270 16.48 14.68 4.15
C GLY A 270 16.34 14.53 2.66
N PHE A 271 16.65 13.34 2.15
CA PHE A 271 16.68 13.15 0.70
C PHE A 271 15.36 13.48 0.03
N SER A 272 14.27 13.06 0.65
CA SER A 272 12.94 13.14 0.06
C SER A 272 12.39 14.56 0.09
N ILE A 273 13.15 15.48 0.66
CA ILE A 273 12.68 16.84 0.84
C ILE A 273 13.37 17.81 -0.13
N ALA A 274 14.33 17.31 -0.87
CA ALA A 274 14.89 18.10 -1.95
C ALA A 274 14.34 17.67 -3.31
N ALA A 275 14.68 18.47 -4.31
CA ALA A 275 14.27 18.20 -5.68
C ALA A 275 15.06 19.07 -6.66
N MET A 276 15.28 18.52 -7.86
CA MET A 276 15.84 19.25 -9.01
C MET A 276 17.33 19.66 -8.85
N ASN A 277 18.14 18.75 -8.35
CA ASN A 277 19.58 19.02 -8.19
C ASN A 277 20.35 17.71 -8.25
N GLU A 278 21.54 17.68 -8.87
CA GLU A 278 22.05 18.73 -9.78
C GLU A 278 22.81 18.13 -10.99
N GLY B 22 -19.44 18.44 -25.60
CA GLY B 22 -18.64 17.18 -25.69
C GLY B 22 -17.12 17.32 -25.74
N PHE B 23 -16.50 17.65 -24.61
CA PHE B 23 -15.04 17.74 -24.55
C PHE B 23 -14.39 16.36 -24.40
N LEU B 24 -15.21 15.32 -24.36
CA LEU B 24 -14.73 13.95 -24.31
C LEU B 24 -15.00 13.25 -25.64
N SER B 25 -15.49 14.00 -26.63
CA SER B 25 -15.84 13.43 -27.92
C SER B 25 -14.64 12.79 -28.60
N GLY B 26 -14.90 11.84 -29.49
CA GLY B 26 -13.84 11.16 -30.24
C GLY B 26 -12.98 10.21 -29.42
N LYS B 27 -13.50 9.83 -28.25
CA LYS B 27 -12.76 9.00 -27.29
C LYS B 27 -13.53 7.71 -26.96
N ARG B 28 -12.80 6.61 -26.76
CA ARG B 28 -13.41 5.34 -26.38
C ARG B 28 -12.95 4.78 -25.02
N ILE B 29 -13.81 4.92 -24.01
CA ILE B 29 -13.47 4.54 -22.64
C ILE B 29 -14.30 3.36 -22.08
N LEU B 30 -13.64 2.42 -21.40
CA LEU B 30 -14.33 1.27 -20.80
C LEU B 30 -14.63 1.52 -19.32
N VAL B 31 -15.91 1.61 -18.97
CA VAL B 31 -16.32 1.78 -17.58
C VAL B 31 -16.66 0.43 -16.96
N THR B 32 -16.10 0.18 -15.78
CA THR B 32 -16.35 -1.04 -15.01
C THR B 32 -17.18 -0.66 -13.82
N GLY B 33 -17.70 -1.70 -13.15
CA GLY B 33 -18.23 -1.56 -11.80
C GLY B 33 -19.51 -0.79 -11.67
N VAL B 34 -20.32 -0.83 -12.74
CA VAL B 34 -21.68 -0.32 -12.66
C VAL B 34 -22.50 -1.48 -12.10
N ALA B 35 -23.35 -1.17 -11.11
CA ALA B 35 -24.23 -2.16 -10.50
C ALA B 35 -25.60 -1.58 -10.12
N SER B 36 -25.73 -0.25 -10.11
CA SER B 36 -26.97 0.46 -9.71
C SER B 36 -26.98 1.94 -10.13
N LYS B 37 -28.09 2.64 -9.86
CA LYS B 37 -28.19 4.10 -10.09
C LYS B 37 -27.26 4.86 -9.15
N LEU B 38 -26.94 4.20 -8.05
CA LEU B 38 -26.18 4.75 -6.94
C LEU B 38 -24.68 4.62 -7.14
N SER B 39 -24.30 3.64 -7.97
CA SER B 39 -22.89 3.38 -8.31
C SER B 39 -22.18 4.67 -8.69
N ILE B 40 -20.91 4.79 -8.31
CA ILE B 40 -20.05 5.90 -8.76
C ILE B 40 -19.87 5.87 -10.27
N ALA B 41 -19.62 4.66 -10.77
CA ALA B 41 -19.36 4.37 -12.19
C ALA B 41 -20.53 4.77 -13.05
N TYR B 42 -21.72 4.75 -12.47
CA TYR B 42 -22.90 5.18 -13.18
C TYR B 42 -22.89 6.67 -13.47
N GLY B 43 -22.44 7.48 -12.51
CA GLY B 43 -22.38 8.93 -12.69
C GLY B 43 -21.27 9.26 -13.67
N ILE B 44 -20.17 8.50 -13.54
CA ILE B 44 -19.03 8.62 -14.42
C ILE B 44 -19.43 8.39 -15.87
N ALA B 45 -20.16 7.30 -16.10
CA ALA B 45 -20.65 6.98 -17.42
C ALA B 45 -21.70 8.00 -17.85
N GLN B 46 -22.69 8.23 -17.00
CA GLN B 46 -23.68 9.26 -17.23
C GLN B 46 -22.97 10.54 -17.68
N ALA B 47 -22.08 11.04 -16.83
CA ALA B 47 -21.26 12.23 -17.17
C ALA B 47 -20.40 12.08 -18.45
N MET B 48 -19.86 10.89 -18.70
CA MET B 48 -18.97 10.67 -19.83
C MET B 48 -19.68 10.68 -21.19
N HIS B 49 -20.88 10.11 -21.23
CA HIS B 49 -21.70 10.11 -22.45
C HIS B 49 -22.19 11.50 -22.68
N ARG B 50 -22.46 12.22 -21.59
CA ARG B 50 -22.87 13.61 -21.62
C ARG B 50 -21.88 14.45 -22.40
N GLU B 51 -20.60 14.05 -22.40
CA GLU B 51 -19.58 14.76 -23.18
C GLU B 51 -19.14 13.97 -24.43
N GLY B 52 -20.08 13.23 -25.01
CA GLY B 52 -19.93 12.57 -26.30
C GLY B 52 -18.85 11.50 -26.40
N ALA B 53 -18.52 10.89 -25.26
CA ALA B 53 -17.61 9.75 -25.25
C ALA B 53 -18.31 8.48 -25.79
N GLU B 54 -17.57 7.66 -26.52
CA GLU B 54 -18.05 6.33 -26.85
C GLU B 54 -17.70 5.35 -25.71
N LEU B 55 -18.72 4.75 -25.11
CA LEU B 55 -18.50 3.93 -23.92
C LEU B 55 -18.62 2.40 -24.13
N ALA B 56 -17.89 1.63 -23.31
CA ALA B 56 -18.05 0.18 -23.15
C ALA B 56 -18.13 -0.18 -21.67
N PHE B 57 -18.88 -1.26 -21.34
CA PHE B 57 -19.09 -1.65 -19.93
C PHE B 57 -18.69 -3.09 -19.58
N THR B 58 -18.44 -3.34 -18.29
CA THR B 58 -18.29 -4.70 -17.80
C THR B 58 -19.27 -5.05 -16.70
N TYR B 59 -19.65 -6.31 -16.70
CA TYR B 59 -20.33 -6.92 -15.56
C TYR B 59 -19.40 -7.99 -14.99
N GLN B 60 -19.75 -8.45 -13.80
CA GLN B 60 -18.87 -9.33 -13.04
C GLN B 60 -19.70 -10.56 -12.68
N ASN B 61 -21.01 -10.43 -12.82
CA ASN B 61 -21.87 -11.52 -12.50
C ASN B 61 -22.92 -11.71 -13.52
N ASP B 62 -23.41 -12.93 -13.60
CA ASP B 62 -24.68 -13.20 -14.26
C ASP B 62 -25.75 -12.34 -13.58
N LYS B 63 -25.60 -12.16 -12.27
CA LYS B 63 -26.47 -11.24 -11.56
C LYS B 63 -26.50 -9.90 -12.28
N LEU B 64 -25.32 -9.27 -12.38
CA LEU B 64 -25.23 -7.88 -12.82
C LEU B 64 -25.51 -7.64 -14.30
N LYS B 65 -25.34 -8.68 -15.12
CA LYS B 65 -25.43 -8.57 -16.57
C LYS B 65 -26.68 -7.82 -17.00
N GLY B 66 -27.80 -8.12 -16.36
CA GLY B 66 -29.07 -7.51 -16.71
C GLY B 66 -29.11 -6.00 -16.62
N ARG B 67 -28.78 -5.48 -15.45
CA ARG B 67 -28.83 -4.03 -15.23
C ARG B 67 -27.82 -3.31 -16.11
N VAL B 68 -26.56 -3.75 -16.10
CA VAL B 68 -25.51 -3.16 -16.94
C VAL B 68 -25.94 -3.04 -18.41
N GLU B 69 -26.45 -4.13 -18.98
CA GLU B 69 -26.95 -4.11 -20.35
C GLU B 69 -28.05 -3.08 -20.53
N GLU B 70 -28.90 -2.96 -19.52
CA GLU B 70 -30.02 -2.04 -19.62
C GLU B 70 -29.55 -0.59 -19.64
N PHE B 71 -28.55 -0.28 -18.81
CA PHE B 71 -27.99 1.07 -18.81
C PHE B 71 -27.23 1.35 -20.10
N ALA B 72 -26.62 0.32 -20.67
CA ALA B 72 -25.94 0.45 -21.97
C ALA B 72 -26.87 1.10 -23.01
N ALA B 73 -27.97 0.42 -23.33
CA ALA B 73 -28.97 1.04 -24.17
C ALA B 73 -29.33 2.49 -23.85
N GLN B 74 -29.53 2.79 -22.58
CA GLN B 74 -29.78 4.18 -22.18
C GLN B 74 -28.67 5.09 -22.66
N LEU B 75 -27.42 4.69 -22.45
CA LEU B 75 -26.32 5.56 -22.79
C LEU B 75 -25.85 5.39 -24.24
N GLY B 76 -26.72 4.84 -25.08
CA GLY B 76 -26.47 4.73 -26.51
C GLY B 76 -25.49 3.65 -26.98
N SER B 77 -24.63 3.17 -26.09
CA SER B 77 -23.72 2.11 -26.47
C SER B 77 -24.29 0.74 -26.14
N ASP B 78 -23.69 -0.28 -26.74
CA ASP B 78 -23.90 -1.65 -26.28
C ASP B 78 -22.68 -2.54 -26.56
N ILE B 79 -21.54 -2.12 -26.00
CA ILE B 79 -20.47 -3.04 -25.75
C ILE B 79 -20.59 -3.38 -24.26
N VAL B 80 -20.96 -4.63 -24.00
CA VAL B 80 -21.18 -5.12 -22.63
C VAL B 80 -20.59 -6.53 -22.44
N LEU B 81 -19.54 -6.65 -21.62
CA LEU B 81 -18.83 -7.94 -21.48
C LEU B 81 -18.59 -8.43 -20.04
N GLN B 82 -18.59 -9.76 -19.88
CA GLN B 82 -18.39 -10.42 -18.60
C GLN B 82 -16.91 -10.34 -18.18
N CYS B 83 -16.64 -9.67 -17.05
CA CYS B 83 -15.26 -9.57 -16.52
C CYS B 83 -15.16 -9.58 -14.99
N ASP B 84 -14.43 -10.56 -14.47
CA ASP B 84 -14.17 -10.68 -13.05
C ASP B 84 -12.69 -10.51 -12.86
N VAL B 85 -12.33 -9.43 -12.17
CA VAL B 85 -10.91 -9.07 -12.01
C VAL B 85 -10.14 -10.00 -11.07
N ALA B 86 -10.81 -11.04 -10.57
CA ALA B 86 -10.16 -12.03 -9.72
C ALA B 86 -9.36 -12.95 -10.60
N GLU B 87 -9.89 -13.20 -11.80
CA GLU B 87 -9.28 -14.18 -12.67
C GLU B 87 -8.59 -13.53 -13.84
N ASP B 88 -7.25 -13.56 -13.80
CA ASP B 88 -6.40 -13.10 -14.90
C ASP B 88 -6.91 -13.60 -16.21
N ALA B 89 -7.65 -14.70 -16.22
CA ALA B 89 -8.14 -15.26 -17.46
C ALA B 89 -9.36 -14.48 -17.94
N SER B 90 -10.30 -14.20 -17.03
CA SER B 90 -11.54 -13.48 -17.38
C SER B 90 -11.13 -12.21 -18.06
N ILE B 91 -10.23 -11.51 -17.38
CA ILE B 91 -9.66 -10.25 -17.81
C ILE B 91 -9.24 -10.24 -19.29
N ASP B 92 -8.31 -11.11 -19.64
CA ASP B 92 -7.81 -11.18 -20.99
C ASP B 92 -8.86 -11.50 -22.02
N THR B 93 -9.86 -12.31 -21.64
CA THR B 93 -10.95 -12.68 -22.56
C THR B 93 -11.85 -11.50 -22.88
N MET B 94 -12.08 -10.67 -21.88
CA MET B 94 -12.91 -9.49 -22.06
C MET B 94 -12.15 -8.53 -22.97
N PHE B 95 -10.85 -8.41 -22.75
CA PHE B 95 -10.08 -7.50 -23.58
C PHE B 95 -10.05 -7.97 -25.03
N ALA B 96 -9.79 -9.26 -25.20
CA ALA B 96 -9.90 -9.93 -26.48
C ALA B 96 -11.25 -9.67 -27.17
N GLU B 97 -12.34 -9.90 -26.44
CA GLU B 97 -13.67 -9.66 -26.96
C GLU B 97 -13.86 -8.21 -27.31
N LEU B 98 -13.31 -7.31 -26.50
CA LEU B 98 -13.40 -5.88 -26.78
C LEU B 98 -12.56 -5.43 -27.99
N GLY B 99 -11.32 -5.92 -28.08
CA GLY B 99 -10.49 -5.68 -29.26
C GLY B 99 -11.18 -5.92 -30.58
N LYS B 100 -12.05 -6.94 -30.64
CA LYS B 100 -12.90 -7.18 -31.79
C LYS B 100 -13.68 -5.91 -32.16
N VAL B 101 -14.24 -5.22 -31.16
CA VAL B 101 -14.97 -3.98 -31.48
C VAL B 101 -14.19 -2.67 -31.26
N TRP B 102 -13.36 -2.57 -30.22
CA TRP B 102 -12.38 -1.48 -30.14
C TRP B 102 -11.02 -2.07 -30.15
N PRO B 103 -10.46 -2.27 -31.37
CA PRO B 103 -9.12 -2.84 -31.52
C PRO B 103 -8.14 -2.03 -30.72
N LYS B 104 -8.41 -0.74 -30.62
CA LYS B 104 -7.64 0.16 -29.79
C LYS B 104 -8.65 1.16 -29.23
N PHE B 105 -8.34 1.71 -28.04
CA PHE B 105 -9.22 2.64 -27.32
C PHE B 105 -8.39 3.51 -26.39
N ASP B 106 -9.03 4.46 -25.71
CA ASP B 106 -8.27 5.45 -24.94
C ASP B 106 -8.38 5.38 -23.41
N GLY B 107 -8.70 4.21 -22.85
CA GLY B 107 -8.60 4.03 -21.40
C GLY B 107 -9.86 3.63 -20.65
N PHE B 108 -9.69 3.38 -19.35
CA PHE B 108 -10.77 2.82 -18.58
C PHE B 108 -10.91 3.32 -17.13
N VAL B 109 -12.13 3.19 -16.58
CA VAL B 109 -12.42 3.61 -15.22
C VAL B 109 -12.50 2.41 -14.27
N HIS B 110 -11.83 2.49 -13.11
CA HIS B 110 -11.67 1.35 -12.19
C HIS B 110 -12.47 1.48 -10.91
N SER B 111 -13.78 1.32 -11.06
CA SER B 111 -14.69 1.56 -9.98
C SER B 111 -14.92 0.24 -9.27
N ILE B 112 -13.85 -0.40 -8.82
CA ILE B 112 -13.96 -1.68 -8.13
C ILE B 112 -13.26 -1.61 -6.76
N GLY B 113 -13.79 -2.38 -5.80
CA GLY B 113 -13.15 -2.63 -4.51
C GLY B 113 -13.83 -3.75 -3.70
N PHE B 114 -13.04 -4.63 -3.10
CA PHE B 114 -13.62 -5.66 -2.25
C PHE B 114 -12.79 -6.05 -1.02
N ALA B 115 -13.51 -6.39 0.05
CA ALA B 115 -12.99 -7.05 1.23
C ALA B 115 -14.11 -7.96 1.71
N PRO B 116 -13.80 -9.26 1.94
CA PRO B 116 -14.90 -10.10 2.40
C PRO B 116 -15.11 -9.74 3.87
N GLY B 117 -15.96 -8.77 4.16
CA GLY B 117 -15.83 -8.15 5.46
C GLY B 117 -17.09 -8.23 6.26
N ASP B 118 -17.12 -8.94 7.40
CA ASP B 118 -16.04 -9.77 8.05
C ASP B 118 -14.93 -8.86 8.59
N GLN B 119 -14.34 -8.11 7.65
CA GLN B 119 -13.26 -7.18 7.88
C GLN B 119 -13.49 -5.71 8.29
N LEU B 120 -14.63 -5.11 7.98
CA LEU B 120 -14.78 -3.62 8.13
C LEU B 120 -15.81 -3.48 9.25
N ASP B 121 -15.50 -4.11 10.39
CA ASP B 121 -16.38 -4.20 11.56
C ASP B 121 -15.53 -4.22 12.84
N GLY B 122 -15.48 -3.07 13.52
CA GLY B 122 -14.82 -2.96 14.82
C GLY B 122 -13.31 -2.88 14.74
N ASP B 123 -12.63 -3.34 15.80
CA ASP B 123 -11.18 -3.20 15.91
C ASP B 123 -10.51 -3.73 14.68
N TYR B 124 -9.51 -3.00 14.19
CA TYR B 124 -8.78 -3.36 12.98
C TYR B 124 -8.01 -4.66 13.14
N VAL B 125 -7.06 -4.65 14.06
CA VAL B 125 -6.19 -5.78 14.32
C VAL B 125 -6.95 -7.06 14.60
N ASN B 126 -8.01 -6.98 15.41
CA ASN B 126 -8.87 -8.13 15.66
C ASN B 126 -9.55 -8.64 14.39
N ALA B 127 -10.17 -7.74 13.65
CA ALA B 127 -10.86 -8.06 12.40
C ALA B 127 -10.00 -8.77 11.33
N VAL B 128 -8.82 -8.20 11.10
CA VAL B 128 -7.98 -8.52 9.96
C VAL B 128 -7.43 -9.94 10.02
N THR B 129 -7.27 -10.54 8.85
CA THR B 129 -6.78 -11.90 8.70
C THR B 129 -5.88 -11.93 7.48
N ARG B 130 -5.08 -12.99 7.36
CA ARG B 130 -4.19 -13.22 6.22
C ARG B 130 -4.94 -13.14 4.90
N GLU B 131 -5.81 -14.14 4.69
CA GLU B 131 -6.71 -14.21 3.57
C GLU B 131 -7.44 -12.86 3.31
N GLY B 132 -8.02 -12.29 4.37
CA GLY B 132 -8.74 -11.00 4.24
C GLY B 132 -7.88 -9.88 3.67
N PHE B 133 -6.65 -9.78 4.18
CA PHE B 133 -5.65 -8.88 3.65
C PHE B 133 -5.42 -9.17 2.15
N LYS B 134 -5.22 -10.44 1.80
CA LYS B 134 -4.96 -10.83 0.43
C LYS B 134 -6.13 -10.44 -0.48
N ILE B 135 -7.34 -10.83 -0.10
CA ILE B 135 -8.53 -10.58 -0.95
C ILE B 135 -8.78 -9.09 -1.19
N ALA B 136 -8.81 -8.28 -0.12
CA ALA B 136 -8.90 -6.82 -0.25
C ALA B 136 -7.90 -6.33 -1.27
N HIS B 137 -6.62 -6.55 -1.00
CA HIS B 137 -5.55 -6.05 -1.88
C HIS B 137 -5.68 -6.58 -3.27
N ASP B 138 -6.12 -7.83 -3.37
CA ASP B 138 -6.18 -8.50 -4.64
C ASP B 138 -7.17 -7.80 -5.57
N ILE B 139 -8.37 -7.56 -5.09
CA ILE B 139 -9.41 -6.98 -5.92
C ILE B 139 -9.35 -5.47 -5.99
N SER B 140 -8.98 -4.82 -4.88
CA SER B 140 -9.13 -3.35 -4.73
C SER B 140 -7.97 -2.58 -5.30
N SER B 141 -6.88 -3.28 -5.60
CA SER B 141 -5.60 -2.66 -5.97
C SER B 141 -4.90 -3.44 -7.10
N TYR B 142 -4.63 -4.74 -6.93
CA TYR B 142 -3.94 -5.45 -7.99
C TYR B 142 -4.68 -5.43 -9.32
N SER B 143 -5.99 -5.61 -9.27
CA SER B 143 -6.86 -5.63 -10.44
C SER B 143 -6.59 -4.48 -11.42
N PHE B 144 -6.42 -3.29 -10.86
CA PHE B 144 -6.21 -2.07 -11.63
C PHE B 144 -4.99 -2.15 -12.56
N VAL B 145 -3.83 -2.57 -12.05
CA VAL B 145 -2.65 -2.77 -12.91
C VAL B 145 -2.90 -3.92 -13.86
N ALA B 146 -3.44 -5.03 -13.35
CA ALA B 146 -3.64 -6.25 -14.11
C ALA B 146 -4.35 -5.98 -15.43
N MET B 147 -5.48 -5.27 -15.38
CA MET B 147 -6.20 -4.88 -16.58
C MET B 147 -5.28 -4.09 -17.51
N ALA B 148 -4.51 -3.19 -16.91
CA ALA B 148 -3.60 -2.34 -17.64
C ALA B 148 -2.59 -3.16 -18.45
N LYS B 149 -2.10 -4.27 -17.88
CA LYS B 149 -1.23 -5.17 -18.63
C LYS B 149 -1.96 -5.70 -19.86
N ALA B 150 -3.16 -6.22 -19.61
CA ALA B 150 -4.00 -6.90 -20.59
C ALA B 150 -4.42 -6.02 -21.78
N CYS B 151 -4.49 -4.71 -21.59
CA CYS B 151 -4.75 -3.82 -22.72
C CYS B 151 -3.63 -2.81 -23.08
N ARG B 152 -2.43 -2.98 -22.52
CA ARG B 152 -1.29 -2.09 -22.82
C ARG B 152 -1.36 -1.80 -24.28
N SER B 153 -1.37 -2.91 -25.02
CA SER B 153 -1.31 -2.91 -26.45
C SER B 153 -2.44 -2.15 -27.16
N MET B 154 -3.62 -2.03 -26.56
CA MET B 154 -4.72 -1.38 -27.27
C MET B 154 -4.84 0.11 -26.93
N LEU B 155 -3.87 0.64 -26.18
CA LEU B 155 -4.00 2.01 -25.69
C LEU B 155 -3.40 3.10 -26.61
N ASN B 156 -4.27 3.95 -27.16
CA ASN B 156 -3.83 5.04 -28.02
C ASN B 156 -3.10 6.10 -27.23
N PRO B 157 -2.10 6.75 -27.86
CA PRO B 157 -1.44 7.86 -27.15
C PRO B 157 -2.48 8.85 -26.60
N GLY B 158 -2.18 9.43 -25.45
CA GLY B 158 -3.10 10.35 -24.77
C GLY B 158 -4.26 9.53 -24.25
N SER B 159 -3.93 8.34 -23.75
CA SER B 159 -4.90 7.52 -23.03
C SER B 159 -4.88 7.88 -21.54
N ALA B 160 -5.94 7.53 -20.83
CA ALA B 160 -6.05 7.83 -19.40
C ALA B 160 -6.71 6.70 -18.59
N LEU B 161 -6.00 6.18 -17.60
CA LEU B 161 -6.60 5.23 -16.70
C LEU B 161 -6.99 5.96 -15.43
N LEU B 162 -8.07 5.48 -14.81
CA LEU B 162 -8.59 6.11 -13.61
C LEU B 162 -9.00 5.07 -12.61
N THR B 163 -8.91 5.39 -11.33
CA THR B 163 -9.41 4.53 -10.25
C THR B 163 -9.98 5.35 -9.07
N LEU B 164 -10.99 4.80 -8.41
CA LEU B 164 -11.70 5.47 -7.33
C LEU B 164 -11.20 5.02 -5.99
N SER B 165 -10.69 5.98 -5.21
CA SER B 165 -10.07 5.72 -3.91
C SER B 165 -10.85 6.39 -2.79
N TYR B 166 -10.44 6.16 -1.55
CA TYR B 166 -11.04 6.87 -0.43
C TYR B 166 -9.96 7.44 0.48
N LEU B 167 -10.36 8.27 1.44
CA LEU B 167 -9.44 8.86 2.42
C LEU B 167 -8.77 7.91 3.43
N GLY B 168 -9.42 6.77 3.66
CA GLY B 168 -8.84 5.66 4.38
C GLY B 168 -7.47 5.14 4.01
N ALA B 169 -7.09 5.32 2.75
CA ALA B 169 -5.69 5.19 2.34
C ALA B 169 -4.76 6.06 3.20
N GLU B 170 -5.03 7.36 3.16
CA GLU B 170 -4.23 8.40 3.80
C GLU B 170 -4.38 8.48 5.33
N ARG B 171 -5.58 8.27 5.83
CA ARG B 171 -5.79 8.26 7.29
C ARG B 171 -6.55 7.04 7.77
N ALA B 172 -6.32 6.64 9.01
CA ALA B 172 -6.98 5.46 9.57
C ALA B 172 -8.40 5.79 10.00
N ILE B 173 -9.38 5.33 9.21
CA ILE B 173 -10.80 5.48 9.52
C ILE B 173 -11.28 4.25 10.29
N PRO B 174 -11.98 4.46 11.41
CA PRO B 174 -12.52 3.28 12.09
C PRO B 174 -13.44 2.46 11.17
N ASN B 175 -13.27 1.15 11.24
CA ASN B 175 -14.06 0.17 10.50
C ASN B 175 -13.72 0.04 9.02
N TYR B 176 -12.80 0.84 8.51
CA TYR B 176 -12.42 0.69 7.10
C TYR B 176 -11.37 -0.39 7.06
N ASN B 177 -10.55 -0.41 8.10
CA ASN B 177 -9.62 -1.50 8.37
C ASN B 177 -8.70 -1.88 7.18
N VAL B 178 -8.77 -3.12 6.70
CA VAL B 178 -7.86 -3.52 5.63
C VAL B 178 -8.10 -2.81 4.28
N MET B 179 -9.26 -2.19 4.10
CA MET B 179 -9.55 -1.48 2.84
C MET B 179 -8.62 -0.32 2.73
N GLY B 180 -8.50 0.45 3.82
CA GLY B 180 -7.55 1.56 3.91
C GLY B 180 -6.21 1.17 3.31
N LEU B 181 -5.67 0.02 3.73
CA LEU B 181 -4.37 -0.48 3.27
C LEU B 181 -4.39 -0.80 1.79
N ALA B 182 -5.49 -1.28 1.26
CA ALA B 182 -5.48 -1.61 -0.17
C ALA B 182 -5.50 -0.32 -1.00
N LYS B 183 -6.26 0.66 -0.54
CA LYS B 183 -6.35 1.92 -1.26
C LYS B 183 -4.99 2.61 -1.20
N ALA B 184 -4.32 2.44 -0.07
CA ALA B 184 -2.99 2.98 0.11
C ALA B 184 -2.14 2.38 -0.99
N SER B 185 -2.20 1.04 -1.09
CA SER B 185 -1.50 0.25 -2.08
C SER B 185 -1.91 0.61 -3.49
N LEU B 186 -3.19 0.92 -3.65
CA LEU B 186 -3.76 1.30 -4.94
C LEU B 186 -3.20 2.62 -5.39
N GLU B 187 -3.17 3.60 -4.48
CA GLU B 187 -2.67 4.94 -4.80
C GLU B 187 -1.19 4.85 -5.13
N ALA B 188 -0.51 3.94 -4.43
CA ALA B 188 0.87 3.63 -4.76
C ALA B 188 0.94 3.15 -6.20
N ASN B 189 0.21 2.07 -6.44
CA ASN B 189 -0.01 1.52 -7.76
C ASN B 189 -0.24 2.57 -8.85
N VAL B 190 -1.05 3.58 -8.56
CA VAL B 190 -1.35 4.64 -9.53
C VAL B 190 -0.10 5.38 -9.93
N ARG B 191 0.70 5.75 -8.93
CA ARG B 191 1.95 6.46 -9.15
C ARG B 191 2.91 5.63 -9.98
N TYR B 192 2.95 4.32 -9.74
CA TYR B 192 3.82 3.47 -10.51
C TYR B 192 3.29 3.36 -11.92
N MET B 193 2.01 3.11 -12.04
CA MET B 193 1.43 2.83 -13.35
C MET B 193 1.66 4.00 -14.29
N ALA B 194 1.38 5.20 -13.80
CA ALA B 194 1.64 6.44 -14.54
C ALA B 194 3.10 6.42 -15.05
N ASN B 195 4.03 6.14 -14.15
CA ASN B 195 5.47 6.21 -14.42
C ASN B 195 5.93 5.18 -15.43
N ALA B 196 5.28 4.02 -15.42
CA ALA B 196 5.59 2.95 -16.34
C ALA B 196 5.01 3.22 -17.74
N MET B 197 3.84 3.86 -17.76
CA MET B 197 3.01 3.98 -18.96
C MET B 197 3.09 5.35 -19.64
N GLY B 198 3.74 6.29 -18.98
CA GLY B 198 3.86 7.67 -19.47
C GLY B 198 4.58 7.80 -20.79
N PRO B 199 5.67 7.04 -20.99
CA PRO B 199 6.37 7.10 -22.27
C PRO B 199 5.53 6.64 -23.45
N GLU B 200 4.39 5.99 -23.21
CA GLU B 200 3.48 5.63 -24.30
C GLU B 200 2.18 6.47 -24.38
N GLY B 201 2.18 7.64 -23.74
CA GLY B 201 1.05 8.56 -23.83
C GLY B 201 -0.09 8.23 -22.89
N VAL B 202 0.20 7.42 -21.88
CA VAL B 202 -0.84 7.01 -20.95
C VAL B 202 -0.68 7.74 -19.64
N ARG B 203 -1.80 8.30 -19.16
CA ARG B 203 -1.83 8.92 -17.85
C ARG B 203 -2.66 8.07 -16.91
N VAL B 204 -2.24 8.00 -15.64
CA VAL B 204 -3.01 7.29 -14.60
C VAL B 204 -3.30 8.22 -13.42
N ASN B 205 -4.54 8.24 -12.95
CA ASN B 205 -4.93 9.02 -11.78
C ASN B 205 -6.02 8.34 -10.96
N ALA B 206 -6.08 8.73 -9.68
CA ALA B 206 -7.15 8.36 -8.73
C ALA B 206 -7.98 9.55 -8.22
N ILE B 207 -9.29 9.33 -8.07
CA ILE B 207 -10.15 10.27 -7.37
C ILE B 207 -10.29 9.76 -5.96
N SER B 208 -9.80 10.52 -4.98
CA SER B 208 -10.11 10.22 -3.59
C SER B 208 -11.42 10.94 -3.31
N ALA B 209 -12.51 10.20 -3.52
CA ALA B 209 -13.84 10.73 -3.41
C ALA B 209 -14.28 10.73 -1.96
N GLY B 210 -15.13 11.70 -1.63
CA GLY B 210 -15.73 11.77 -0.33
C GLY B 210 -16.93 10.87 -0.21
N PRO B 211 -17.61 10.93 0.93
CA PRO B 211 -18.81 10.12 1.14
C PRO B 211 -20.00 10.66 0.34
N ILE B 212 -21.05 9.85 0.23
CA ILE B 212 -22.27 10.20 -0.53
C ILE B 212 -23.53 9.74 0.23
N THR B 214 -22.79 -0.34 -6.61
CA THR B 214 -23.71 0.35 -5.69
C THR B 214 -22.96 1.36 -4.75
N LEU B 215 -22.67 0.92 -3.50
CA LEU B 215 -21.85 1.63 -2.49
C LEU B 215 -21.59 0.60 -1.38
N ALA B 216 -21.09 1.03 -0.22
CA ALA B 216 -21.24 0.39 1.09
C ALA B 216 -20.47 1.09 2.20
N HIS B 229 -23.02 12.71 8.12
CA HIS B 229 -22.88 14.05 8.69
C HIS B 229 -21.40 14.52 8.71
N CYS B 230 -20.72 14.35 7.56
CA CYS B 230 -19.53 15.13 7.22
C CYS B 230 -19.97 16.53 6.85
N GLU B 231 -21.24 16.64 6.48
CA GLU B 231 -21.80 17.84 5.89
C GLU B 231 -21.64 19.07 6.76
N ALA B 232 -21.60 18.87 8.07
CA ALA B 232 -21.39 19.92 9.01
C ALA B 232 -19.94 20.26 9.06
N VAL B 233 -19.06 19.35 8.66
CA VAL B 233 -17.67 19.66 8.91
C VAL B 233 -17.06 20.00 7.54
N THR B 234 -17.76 19.65 6.46
CA THR B 234 -17.25 19.82 5.10
C THR B 234 -17.29 21.28 4.68
N PRO B 235 -16.16 21.81 4.12
CA PRO B 235 -16.10 23.20 3.67
C PRO B 235 -17.30 23.60 2.83
N ILE B 236 -17.61 22.82 1.80
CA ILE B 236 -18.75 23.16 0.96
C ILE B 236 -20.11 22.84 1.60
N ARG B 237 -20.10 22.35 2.85
CA ARG B 237 -21.32 22.07 3.63
C ARG B 237 -22.28 21.07 3.01
N ARG B 238 -21.75 20.13 2.24
CA ARG B 238 -22.54 19.02 1.72
C ARG B 238 -21.57 17.97 1.24
N THR B 239 -22.06 16.75 1.05
CA THR B 239 -21.25 15.68 0.49
C THR B 239 -21.07 15.88 -1.01
N VAL B 240 -20.02 15.27 -1.57
CA VAL B 240 -19.90 15.20 -3.03
C VAL B 240 -20.99 14.24 -3.50
N THR B 241 -21.37 14.39 -4.77
CA THR B 241 -22.42 13.58 -5.38
C THR B 241 -21.89 12.90 -6.61
N ILE B 242 -22.52 11.81 -7.00
CA ILE B 242 -22.16 11.09 -8.21
C ILE B 242 -21.90 11.98 -9.46
N GLU B 243 -22.61 13.11 -9.57
CA GLU B 243 -22.40 14.11 -10.63
C GLU B 243 -21.08 14.86 -10.44
N ASP B 244 -20.81 15.27 -9.19
CA ASP B 244 -19.53 15.86 -8.79
C ASP B 244 -18.36 14.97 -9.20
N VAL B 245 -18.35 13.76 -8.64
CA VAL B 245 -17.36 12.77 -8.99
C VAL B 245 -17.40 12.52 -10.49
N GLY B 246 -18.61 12.41 -11.04
CA GLY B 246 -18.79 12.19 -12.48
C GLY B 246 -17.97 13.13 -13.35
N ASN B 247 -18.22 14.44 -13.21
CA ASN B 247 -17.57 15.42 -14.08
C ASN B 247 -16.06 15.49 -13.85
N SER B 248 -15.57 15.02 -12.70
CA SER B 248 -14.12 15.01 -12.44
C SER B 248 -13.45 13.88 -13.19
N ALA B 249 -14.08 12.70 -13.14
CA ALA B 249 -13.61 11.52 -13.88
C ALA B 249 -13.51 11.89 -15.36
N ALA B 250 -14.66 12.26 -15.90
CA ALA B 250 -14.78 12.80 -17.24
C ALA B 250 -13.57 13.68 -17.56
N PHE B 251 -13.39 14.76 -16.79
CA PHE B 251 -12.24 15.67 -16.94
C PHE B 251 -10.91 14.92 -16.93
N LEU B 252 -10.70 14.12 -15.88
CA LEU B 252 -9.43 13.42 -15.74
C LEU B 252 -9.16 12.50 -16.91
N CYS B 253 -10.22 12.03 -17.56
CA CYS B 253 -10.04 11.11 -18.68
C CYS B 253 -10.02 11.80 -20.03
N SER B 254 -10.34 13.09 -20.03
CA SER B 254 -10.25 13.90 -21.23
C SER B 254 -8.86 14.52 -21.35
N ASP B 255 -8.57 15.04 -22.53
CA ASP B 255 -7.29 15.68 -22.81
C ASP B 255 -7.21 17.07 -22.16
N LEU B 256 -8.33 17.54 -21.61
CA LEU B 256 -8.33 18.77 -20.86
C LEU B 256 -7.44 18.62 -19.63
N SER B 257 -7.43 17.42 -19.04
CA SER B 257 -6.54 17.12 -17.93
C SER B 257 -5.20 16.57 -18.42
N ALA B 258 -4.68 17.17 -19.49
CA ALA B 258 -3.47 16.69 -20.15
C ALA B 258 -2.27 16.72 -19.19
N GLY B 259 -2.15 17.76 -18.37
CA GLY B 259 -0.97 17.88 -17.51
C GLY B 259 -1.00 17.13 -16.19
N ILE B 260 -1.94 16.20 -16.03
CA ILE B 260 -2.12 15.49 -14.76
C ILE B 260 -1.94 14.00 -14.91
N SER B 261 -1.06 13.44 -14.09
CA SER B 261 -0.80 12.03 -14.12
C SER B 261 -0.23 11.65 -12.79
N GLY B 262 -0.50 10.40 -12.41
CA GLY B 262 -0.06 9.85 -11.13
C GLY B 262 -0.54 10.69 -9.98
N GLU B 263 -1.73 11.27 -10.10
CA GLU B 263 -2.20 12.21 -9.10
C GLU B 263 -3.48 11.73 -8.41
N VAL B 264 -3.54 11.89 -7.09
CA VAL B 264 -4.73 11.49 -6.31
C VAL B 264 -5.62 12.70 -5.95
N VAL B 265 -6.54 13.04 -6.84
CA VAL B 265 -7.33 14.27 -6.71
C VAL B 265 -8.45 14.09 -5.70
N HIS B 266 -8.46 14.93 -4.68
CA HIS B 266 -9.44 14.81 -3.61
C HIS B 266 -10.70 15.53 -3.96
N VAL B 267 -11.62 14.77 -4.50
CA VAL B 267 -12.96 15.25 -4.81
C VAL B 267 -13.83 14.91 -3.62
N ASP B 268 -13.46 15.46 -2.46
CA ASP B 268 -14.20 15.20 -1.24
C ASP B 268 -14.83 16.45 -0.58
N GLY B 269 -14.79 17.58 -1.29
CA GLY B 269 -15.41 18.80 -0.83
C GLY B 269 -14.53 19.52 0.16
N GLY B 270 -13.24 19.12 0.19
CA GLY B 270 -12.24 19.74 1.06
C GLY B 270 -12.24 19.18 2.46
N PHE B 271 -12.82 17.99 2.62
CA PHE B 271 -12.82 17.31 3.91
C PHE B 271 -11.41 16.81 4.27
N SER B 272 -10.68 16.41 3.25
CA SER B 272 -9.28 15.98 3.35
C SER B 272 -8.45 16.98 4.14
N ILE B 273 -8.70 18.26 3.87
CA ILE B 273 -7.74 19.31 4.22
C ILE B 273 -8.15 20.20 5.38
N ALA B 274 -9.30 19.91 5.98
CA ALA B 274 -9.79 20.62 7.18
C ALA B 274 -9.67 19.78 8.46
N ALA B 275 -9.79 20.44 9.61
CA ALA B 275 -9.72 19.77 10.93
C ALA B 275 -10.46 20.51 12.07
N MET B 276 -11.15 19.73 12.91
CA MET B 276 -11.89 20.19 14.11
C MET B 276 -12.89 21.30 13.79
N ASN B 277 -13.92 21.01 13.01
CA ASN B 277 -14.86 22.06 12.75
C ASN B 277 -16.05 21.97 13.71
N GLU B 278 -15.75 22.11 15.01
CA GLU B 278 -16.73 22.00 16.10
C GLU B 278 -17.44 20.65 16.09
O3 AE6 C . 14.58 -12.32 -4.11
C21 AE6 C . 14.67 -11.22 -3.59
N3 AE6 C . 13.57 -10.53 -3.29
C18 AE6 C . 13.58 -9.29 -2.75
N2 AE6 C . 12.40 -8.66 -2.61
C17 AE6 C . 12.32 -7.42 -2.09
C22 AE6 C . 16.04 -10.67 -3.28
C23 AE6 C . 16.08 -9.35 -2.50
C19 AE6 C . 14.75 -8.65 -2.36
C20 AE6 C . 14.69 -7.35 -1.82
C16 AE6 C . 13.45 -6.72 -1.68
C15 AE6 C . 13.23 -5.35 -1.13
C14 AE6 C . 14.18 -4.51 -0.69
C13 AE6 C . 13.84 -3.28 -0.22
O2 AE6 C . 12.66 -2.96 -0.17
N1 AE6 C . 14.78 -2.32 0.29
C11 AE6 C . 14.38 -0.92 0.05
C12 AE6 C . 16.03 -2.12 -0.49
C10 AE6 C . 15.73 -0.64 -0.58
C7 AE6 C . 15.79 -0.07 -1.95
O1 AE6 C . 14.97 -0.52 -2.96
C4 AE6 C . 15.30 0.22 -4.12
C3 AE6 C . 14.73 0.11 -5.40
C2 AE6 C . 15.19 0.94 -6.42
C8 AE6 C . 16.64 0.99 -2.56
C9 AE6 C . 17.72 1.86 -2.00
C5 AE6 C . 16.30 1.14 -3.91
C6 AE6 C . 16.77 1.97 -4.92
C1 AE6 C . 16.21 1.86 -6.19
PA NAD D . 17.85 -7.59 4.90
O1A NAD D . 18.95 -8.48 5.45
O2A NAD D . 17.63 -7.48 3.40
O5B NAD D . 16.48 -8.05 5.56
C5B NAD D . 15.78 -9.10 4.89
C4B NAD D . 15.04 -9.96 5.89
O4B NAD D . 13.89 -10.49 5.23
C3B NAD D . 15.82 -11.19 6.37
O3B NAD D . 16.57 -10.93 7.57
C2B NAD D . 14.74 -12.26 6.57
O2B NAD D . 14.54 -12.64 7.94
C1B NAD D . 13.47 -11.57 6.08
N9A NAD D . 12.48 -12.46 5.46
C8A NAD D . 12.18 -12.60 4.15
N7A NAD D . 11.18 -13.51 3.98
C5A NAD D . 10.82 -13.96 5.21
C6A NAD D . 9.83 -14.93 5.78
N6A NAD D . 9.00 -15.64 4.99
N1A NAD D . 9.81 -15.08 7.14
C2A NAD D . 10.64 -14.39 7.96
N3A NAD D . 11.55 -13.50 7.52
C4A NAD D . 11.68 -13.25 6.18
O3 NAD D . 18.10 -6.14 5.52
PN NAD D . 17.48 -4.85 4.80
O1N NAD D . 17.94 -3.64 5.57
O2N NAD D . 17.77 -4.91 3.32
O5D NAD D . 15.88 -5.05 4.94
C5D NAD D . 15.20 -4.90 6.19
C4D NAD D . 13.89 -4.09 6.10
O4D NAD D . 14.12 -2.68 5.90
C3D NAD D . 12.99 -4.53 4.96
O3D NAD D . 11.65 -4.42 5.47
C2D NAD D . 13.27 -3.51 3.86
O2D NAD D . 12.22 -3.37 2.90
C1D NAD D . 13.46 -2.25 4.69
N1N NAD D . 14.22 -1.17 4.03
C2N NAD D . 15.43 -1.39 3.49
C3N NAD D . 16.15 -0.34 2.89
C7N NAD D . 17.49 -0.58 2.26
O7N NAD D . 17.97 -1.71 2.28
N7N NAD D . 18.10 0.46 1.68
C4N NAD D . 15.59 0.94 2.85
C5N NAD D . 14.33 1.11 3.42
C6N NAD D . 13.66 0.04 4.01
PA NAD E . -19.99 -0.44 -5.42
O1A NAD E . -18.81 -0.53 -4.47
O2A NAD E . -21.19 -1.30 -5.14
O5B NAD E . -19.57 -0.85 -6.91
C5B NAD E . -18.40 -1.64 -7.02
C4B NAD E . -18.54 -2.58 -8.18
O4B NAD E . -17.48 -3.54 -8.12
C3B NAD E . -19.81 -3.42 -8.14
O3B NAD E . -20.85 -2.69 -8.80
C2B NAD E . -19.41 -4.76 -8.77
O2B NAD E . -20.01 -4.95 -10.05
C1B NAD E . -17.89 -4.61 -8.93
N9A NAD E . -17.08 -5.77 -8.54
C8A NAD E . -17.02 -6.33 -7.32
N7A NAD E . -16.14 -7.37 -7.33
C5A NAD E . -15.62 -7.45 -8.57
C6A NAD E . -14.66 -8.33 -9.28
N6A NAD E . -14.04 -9.35 -8.61
N1A NAD E . -14.40 -8.11 -10.59
C2A NAD E . -15.00 -7.11 -11.24
N3A NAD E . -15.89 -6.28 -10.67
C4A NAD E . -16.25 -6.40 -9.36
O3 NAD E . -20.31 1.13 -5.63
PN NAD E . -19.26 2.39 -5.57
O1N NAD E . -19.55 3.27 -4.37
O2N NAD E . -19.29 3.05 -6.92
O5D NAD E . -17.78 1.76 -5.40
C5D NAD E . -16.86 1.89 -6.48
C4D NAD E . -15.47 2.36 -6.03
O4D NAD E . -15.47 3.68 -5.45
C3D NAD E . -14.82 1.45 -4.99
O3D NAD E . -13.46 1.27 -5.41
C2D NAD E . -14.87 2.25 -3.71
O2D NAD E . -13.78 1.95 -2.86
C1D NAD E . -14.77 3.67 -4.20
N1N NAD E . -15.33 4.67 -3.27
C2N NAD E . -16.63 4.58 -2.92
C3N NAD E . -17.24 5.50 -2.08
C7N NAD E . -18.69 5.29 -1.76
O7N NAD E . -18.98 4.85 -0.65
N7N NAD E . -19.60 5.53 -2.71
C4N NAD E . -16.49 6.56 -1.56
C5N NAD E . -15.13 6.65 -1.92
C6N NAD E . -14.58 5.69 -2.78
O3 AE6 F . -16.11 6.16 9.16
C21 AE6 F . -16.34 6.06 7.95
N3 AE6 F . -15.63 5.23 7.18
C18 AE6 F . -15.91 4.98 5.89
N2 AE6 F . -15.28 3.94 5.31
C17 AE6 F . -15.55 3.59 4.06
C22 AE6 F . -17.48 6.86 7.36
C23 AE6 F . -17.59 6.85 5.83
C19 AE6 F . -16.87 5.69 5.18
C20 AE6 F . -17.16 5.33 3.86
C16 AE6 F . -16.48 4.27 3.28
C15 AE6 F . -16.74 3.84 1.88
C14 AE6 F . -16.06 2.82 1.34
C13 AE6 F . -16.25 2.37 0.09
O2 AE6 F . -17.07 2.92 -0.62
N1 AE6 F . -15.49 1.30 -0.47
C11 AE6 F . -16.25 0.27 -1.21
C12 AE6 F . -14.93 0.26 0.43
C10 AE6 F . -15.42 -0.82 -0.53
C7 AE6 F . -16.15 -1.95 0.08
O1 AE6 F . -15.98 -3.18 -0.53
C4 AE6 F . -16.77 -4.09 0.22
C3 AE6 F . -16.89 -5.45 -0.05
C2 AE6 F . -17.71 -6.23 0.76
C8 AE6 F . -17.08 -2.16 1.23
C9 AE6 F . -17.65 -1.23 2.28
C5 AE6 F . -17.43 -3.52 1.27
C6 AE6 F . -18.25 -4.29 2.10
C1 AE6 F . -18.38 -5.66 1.84
#